data_5EL3
#
_entry.id   5EL3
#
_cell.length_a   57.120
_cell.length_b   85.920
_cell.length_c   59.070
_cell.angle_alpha   90.000
_cell.angle_beta   117.230
_cell.angle_gamma   90.000
#
_symmetry.space_group_name_H-M   'P 1 21 1'
#
loop_
_entity.id
_entity.type
_entity.pdbx_description
1 polymer 'KH domain-containing, RNA-binding, signal transduction-associated protein 3'
2 non-polymer 'SULFATE ION'
3 water water
#
_entity_poly.entity_id   1
_entity_poly.type   'polypeptide(L)'
_entity_poly.pdbx_seq_one_letter_code
;GAINKN(MSE)KLGQKVLIPVKQFPKFNFVGKLLGPRGNSLKRLQEETLTK(MSE)SILGKGS(MSE)RDKAKEEELRKS
GEAKYFHLNDDLHVLIEVFAPPAEAYAR(MSE)GHALEEIKKFLIPDYN
;
_entity_poly.pdbx_strand_id   A,B,C,D
#
# COMPACT_ATOMS: atom_id res chain seq x y z
N ASN A 6 9.30 -10.93 10.59
CA ASN A 6 9.92 -9.75 9.87
C ASN A 6 9.15 -9.23 8.67
N LYS A 8 8.89 -5.73 5.59
CA LYS A 8 9.46 -4.60 4.92
C LYS A 8 8.52 -3.42 5.06
N LEU A 9 9.11 -2.26 5.32
CA LEU A 9 8.45 -0.97 5.14
C LEU A 9 9.25 -0.10 4.23
N GLY A 10 8.51 0.77 3.54
CA GLY A 10 9.11 1.78 2.67
C GLY A 10 8.36 3.08 2.75
N GLN A 11 9.06 4.21 2.78
CA GLN A 11 8.43 5.51 2.84
C GLN A 11 9.24 6.52 2.04
N LYS A 12 8.59 7.11 1.10
CA LYS A 12 9.17 8.26 0.38
C LYS A 12 9.09 9.48 1.20
N VAL A 13 10.17 10.29 1.16
CA VAL A 13 10.21 11.60 1.80
C VAL A 13 10.63 12.67 0.74
N LEU A 14 9.74 13.60 0.47
CA LEU A 14 9.98 14.60 -0.58
C LEU A 14 11.19 15.42 -0.28
N ILE A 15 12.07 15.61 -1.29
CA ILE A 15 13.10 16.62 -1.23
C ILE A 15 12.47 17.85 -1.94
N PRO A 16 12.21 18.97 -1.21
CA PRO A 16 11.31 20.03 -1.68
C PRO A 16 11.99 20.96 -2.64
N VAL A 17 12.34 20.43 -3.81
CA VAL A 17 13.09 21.19 -4.83
C VAL A 17 12.24 22.32 -5.36
N LYS A 18 10.97 22.10 -5.64
CA LYS A 18 10.13 23.16 -6.22
C LYS A 18 9.99 24.32 -5.30
N GLN A 19 9.87 23.99 -4.03
CA GLN A 19 9.72 25.02 -3.04
C GLN A 19 10.99 25.83 -2.79
N PHE A 20 12.17 25.18 -2.95
CA PHE A 20 13.48 25.80 -2.70
C PHE A 20 14.42 25.43 -3.81
N PRO A 21 14.22 26.02 -5.00
CA PRO A 21 14.94 25.54 -6.19
C PRO A 21 16.41 25.87 -6.26
N LYS A 22 16.88 26.74 -5.38
CA LYS A 22 18.28 27.09 -5.32
C LYS A 22 19.07 26.38 -4.22
N PHE A 23 18.42 25.60 -3.35
CA PHE A 23 19.14 25.03 -2.22
C PHE A 23 19.73 23.69 -2.64
N ASN A 24 21.00 23.44 -2.33
CA ASN A 24 21.62 22.20 -2.69
C ASN A 24 21.27 21.09 -1.68
N PHE A 25 20.08 20.51 -1.82
CA PHE A 25 19.68 19.40 -0.98
C PHE A 25 20.56 18.14 -1.06
N VAL A 26 20.97 17.82 -2.25
CA VAL A 26 21.78 16.62 -2.48
C VAL A 26 23.09 16.81 -1.73
N GLY A 27 23.72 17.99 -1.84
CA GLY A 27 24.94 18.24 -1.09
C GLY A 27 24.75 18.23 0.44
N LYS A 28 23.62 18.72 0.89
CA LYS A 28 23.25 18.69 2.31
C LYS A 28 23.10 17.26 2.81
N LEU A 29 22.45 16.42 2.02
CA LEU A 29 22.23 15.03 2.36
C LEU A 29 23.48 14.22 2.39
N LEU A 30 24.35 14.45 1.42
CA LEU A 30 25.58 13.70 1.29
C LEU A 30 26.71 14.20 2.17
N GLY A 31 26.67 15.49 2.50
CA GLY A 31 27.79 16.10 3.19
C GLY A 31 29.00 16.29 2.26
N PRO A 32 30.00 17.03 2.76
CA PRO A 32 31.13 17.34 1.91
C PRO A 32 31.97 16.12 1.49
N ARG A 33 31.92 15.02 2.25
CA ARG A 33 32.67 13.81 1.88
C ARG A 33 31.87 12.71 1.15
N GLY A 34 30.57 12.97 0.93
CA GLY A 34 29.67 12.00 0.40
C GLY A 34 29.16 10.92 1.31
N ASN A 35 29.50 10.99 2.60
CA ASN A 35 29.26 9.92 3.57
C ASN A 35 28.03 10.02 4.41
N SER A 36 27.38 11.19 4.38
CA SER A 36 26.49 11.55 5.48
C SER A 36 25.20 10.72 5.49
N LEU A 37 24.64 10.46 4.31
CA LEU A 37 23.37 9.75 4.21
C LEU A 37 23.66 8.25 4.53
N LYS A 38 24.75 7.72 4.03
CA LYS A 38 25.19 6.35 4.34
C LYS A 38 25.39 6.14 5.85
N ARG A 39 25.96 7.15 6.49
CA ARG A 39 26.10 7.08 7.95
C ARG A 39 24.75 7.15 8.68
N LEU A 40 23.88 8.04 8.22
CA LEU A 40 22.57 8.20 8.85
C LEU A 40 21.71 6.95 8.73
N GLN A 41 21.80 6.24 7.60
CA GLN A 41 21.05 5.03 7.43
C GLN A 41 21.51 3.99 8.47
N GLU A 42 22.83 3.92 8.71
CA GLU A 42 23.35 2.98 9.69
C GLU A 42 22.96 3.37 11.13
N GLU A 43 22.99 4.65 11.42
CA GLU A 43 22.58 5.13 12.74
C GLU A 43 21.12 4.82 13.07
N THR A 44 20.26 4.82 12.04
CA THR A 44 18.83 4.59 12.23
C THR A 44 18.38 3.17 11.89
N LEU A 45 19.30 2.34 11.43
CA LEU A 45 19.05 0.94 11.07
C LEU A 45 18.07 0.80 9.91
N THR A 46 18.23 1.68 8.94
CA THR A 46 17.41 1.72 7.74
C THR A 46 18.30 1.70 6.52
N LYS A 47 17.66 1.75 5.34
CA LYS A 47 18.35 2.00 4.10
C LYS A 47 17.74 3.20 3.47
N SER A 49 17.96 5.99 0.16
N SER A 49 17.96 6.06 0.21
CA SER A 49 18.44 6.18 -1.21
CA SER A 49 18.36 6.28 -1.14
C SER A 49 17.79 7.44 -1.78
C SER A 49 17.79 7.49 -1.73
N ILE A 50 18.54 8.20 -2.54
CA ILE A 50 18.04 9.36 -3.21
C ILE A 50 17.60 8.91 -4.61
N LEU A 51 16.30 9.13 -4.89
CA LEU A 51 15.61 8.59 -6.06
C LEU A 51 14.74 9.71 -6.66
N GLY A 52 14.20 9.48 -7.84
CA GLY A 52 13.35 10.46 -8.46
C GLY A 52 14.06 11.35 -9.46
N LYS A 53 13.30 12.30 -10.02
CA LYS A 53 13.84 13.20 -11.01
C LYS A 53 15.00 14.02 -10.44
N GLY A 54 16.07 14.03 -11.20
CA GLY A 54 17.32 14.68 -10.83
C GLY A 54 18.28 13.84 -10.02
N SER A 55 17.92 12.57 -9.76
CA SER A 55 18.76 11.71 -8.88
C SER A 55 19.93 11.01 -9.60
N ARG A 57 23.33 11.52 -12.07
CA ARG A 57 24.27 12.60 -12.38
C ARG A 57 24.16 13.16 -13.78
N ASP A 58 23.80 12.33 -14.76
CA ASP A 58 23.73 12.72 -16.14
C ASP A 58 22.25 12.83 -16.54
N LYS A 59 21.80 14.04 -16.84
CA LYS A 59 20.41 14.30 -17.14
C LYS A 59 19.90 13.58 -18.38
N ALA A 60 20.75 13.49 -19.40
CA ALA A 60 20.36 12.82 -20.62
C ALA A 60 20.17 11.32 -20.43
N LYS A 61 21.09 10.68 -19.71
CA LYS A 61 20.95 9.29 -19.38
C LYS A 61 19.71 9.04 -18.56
N GLU A 62 19.45 9.95 -17.60
CA GLU A 62 18.25 9.84 -16.75
C GLU A 62 16.98 9.80 -17.60
N GLU A 63 16.89 10.69 -18.59
CA GLU A 63 15.75 10.70 -19.47
C GLU A 63 15.66 9.43 -20.30
N GLU A 64 16.81 8.92 -20.77
CA GLU A 64 16.80 7.67 -21.51
C GLU A 64 16.28 6.54 -20.63
N LEU A 65 16.76 6.50 -19.41
CA LEU A 65 16.35 5.41 -18.50
C LEU A 65 14.87 5.48 -18.17
N ARG A 66 14.39 6.69 -17.95
CA ARG A 66 12.95 6.91 -17.68
C ARG A 66 12.15 6.47 -18.91
N LYS A 67 12.59 6.83 -20.12
CA LYS A 67 11.89 6.44 -21.35
C LYS A 67 11.98 4.95 -21.68
N SER A 68 12.99 4.26 -21.15
CA SER A 68 13.18 2.80 -21.38
C SER A 68 11.97 1.99 -20.92
N GLY A 69 11.31 2.47 -19.86
CA GLY A 69 10.17 1.78 -19.27
C GLY A 69 10.56 0.62 -18.39
N GLU A 70 11.85 0.41 -18.11
CA GLU A 70 12.24 -0.69 -17.25
C GLU A 70 11.76 -0.37 -15.86
N ALA A 71 11.28 -1.40 -15.14
CA ALA A 71 10.73 -1.20 -13.80
C ALA A 71 11.68 -0.59 -12.77
N LYS A 72 12.97 -0.94 -12.89
CA LYS A 72 13.98 -0.44 -11.99
C LYS A 72 14.13 1.07 -12.08
N TYR A 73 13.59 1.68 -13.12
CA TYR A 73 13.65 3.17 -13.29
C TYR A 73 12.35 3.86 -13.16
N PHE A 74 11.32 3.15 -12.78
CA PHE A 74 10.02 3.81 -12.61
C PHE A 74 10.16 4.99 -11.67
N HIS A 75 11.02 4.91 -10.65
CA HIS A 75 11.20 6.00 -9.68
C HIS A 75 11.53 7.33 -10.35
N LEU A 76 12.17 7.29 -11.51
CA LEU A 76 12.57 8.51 -12.20
C LEU A 76 11.40 9.38 -12.64
N ASN A 77 10.18 8.83 -12.62
CA ASN A 77 8.97 9.60 -12.92
C ASN A 77 8.47 10.36 -11.70
N ASP A 78 8.99 10.08 -10.50
CA ASP A 78 8.57 10.81 -9.26
C ASP A 78 9.43 12.02 -9.03
N ASP A 79 8.95 12.93 -8.17
CA ASP A 79 9.79 14.05 -7.73
C ASP A 79 10.97 13.51 -6.91
N LEU A 80 12.05 14.28 -6.90
CA LEU A 80 13.23 13.90 -6.14
C LEU A 80 12.83 13.62 -4.67
N HIS A 81 13.30 12.53 -4.12
CA HIS A 81 12.93 12.08 -2.80
C HIS A 81 13.98 11.22 -2.17
N VAL A 82 13.90 11.06 -0.85
CA VAL A 82 14.64 10.02 -0.16
C VAL A 82 13.66 8.87 0.03
N LEU A 83 14.02 7.68 -0.38
CA LEU A 83 13.25 6.46 -0.03
C LEU A 83 13.92 5.83 1.19
N ILE A 84 13.16 5.67 2.28
CA ILE A 84 13.65 5.03 3.47
C ILE A 84 12.99 3.66 3.50
N GLU A 85 13.81 2.66 3.57
CA GLU A 85 13.32 1.26 3.65
C GLU A 85 13.85 0.61 4.88
N VAL A 86 13.09 -0.36 5.40
N VAL A 86 13.10 -0.36 5.41
CA VAL A 86 13.45 -1.06 6.61
CA VAL A 86 13.55 -1.11 6.57
C VAL A 86 12.97 -2.51 6.52
C VAL A 86 12.99 -2.51 6.52
N PHE A 87 13.73 -3.46 7.09
CA PHE A 87 13.29 -4.85 7.19
C PHE A 87 13.60 -5.33 8.61
N ALA A 88 12.58 -5.62 9.36
CA ALA A 88 12.67 -5.94 10.79
C ALA A 88 11.33 -6.45 11.29
N PRO A 89 11.31 -6.99 12.53
CA PRO A 89 9.99 -7.36 13.07
C PRO A 89 9.11 -6.12 13.15
N PRO A 90 7.79 -6.29 13.03
CA PRO A 90 6.87 -5.10 12.90
C PRO A 90 7.12 -3.96 13.91
N ALA A 91 7.13 -4.25 15.22
CA ALA A 91 7.29 -3.15 16.19
C ALA A 91 8.60 -2.40 15.96
N GLU A 92 9.65 -3.16 15.71
CA GLU A 92 10.95 -2.57 15.43
C GLU A 92 11.06 -1.85 14.08
N ALA A 93 10.45 -2.41 13.04
CA ALA A 93 10.39 -1.76 11.73
C ALA A 93 9.75 -0.37 11.80
N TYR A 94 8.60 -0.27 12.51
CA TYR A 94 7.95 0.99 12.62
C TYR A 94 8.78 1.96 13.47
N ALA A 95 9.37 1.47 14.57
CA ALA A 95 10.21 2.34 15.40
C ALA A 95 11.41 2.91 14.66
N ARG A 96 12.07 2.05 13.88
CA ARG A 96 13.19 2.49 13.09
C ARG A 96 12.78 3.58 12.07
N GLY A 98 10.20 5.67 12.28
CA GLY A 98 9.93 6.90 12.98
C GLY A 98 11.21 7.66 13.30
N HIS A 99 12.23 6.93 13.80
CA HIS A 99 13.53 7.50 14.09
C HIS A 99 14.17 8.12 12.83
N ALA A 100 14.21 7.35 11.74
CA ALA A 100 14.76 7.83 10.51
C ALA A 100 14.04 9.07 10.01
N LEU A 101 12.72 9.09 10.13
CA LEU A 101 11.95 10.23 9.68
C LEU A 101 12.27 11.46 10.53
N GLU A 102 12.44 11.30 11.81
CA GLU A 102 12.86 12.43 12.62
C GLU A 102 14.25 12.93 12.26
N GLU A 103 15.20 12.00 12.08
CA GLU A 103 16.59 12.36 11.76
C GLU A 103 16.79 13.00 10.41
N ILE A 104 15.96 12.66 9.43
CA ILE A 104 16.14 13.20 8.10
C ILE A 104 15.65 14.64 8.00
N LYS A 105 14.80 15.08 8.93
CA LYS A 105 14.16 16.40 8.79
C LYS A 105 15.14 17.51 8.49
N LYS A 106 16.23 17.53 9.24
CA LYS A 106 17.16 18.69 9.15
C LYS A 106 17.84 18.78 7.81
N PHE A 107 17.86 17.69 7.06
CA PHE A 107 18.51 17.70 5.79
C PHE A 107 17.59 18.12 4.68
N LEU A 108 16.30 18.29 4.95
CA LEU A 108 15.27 18.59 3.97
C LEU A 108 14.63 19.97 4.02
N ILE A 109 15.28 20.86 4.73
CA ILE A 109 14.95 22.25 4.66
C ILE A 109 16.24 23.03 4.52
N PRO A 110 16.16 24.19 3.85
CA PRO A 110 17.41 24.94 3.75
C PRO A 110 17.90 25.41 5.08
N ASP A 111 19.23 25.53 5.18
CA ASP A 111 19.86 26.06 6.38
C ASP A 111 20.37 27.51 6.25
N TYR A 112 19.93 28.20 5.19
CA TYR A 112 20.10 29.60 5.04
C TYR A 112 18.92 30.08 4.17
N ASN A 113 18.66 31.37 4.19
N ASN A 113 18.69 31.37 4.10
CA ASN A 113 17.64 32.00 3.32
CA ASN A 113 17.63 31.94 3.28
C ASN A 113 18.34 32.72 2.18
C ASN A 113 18.26 32.64 2.06
N GLY B 1 5.97 11.33 0.44
CA GLY B 1 5.19 12.55 0.84
C GLY B 1 6.01 13.57 1.59
N ALA B 2 5.41 14.71 1.88
CA ALA B 2 6.11 15.81 2.56
C ALA B 2 6.31 15.45 4.02
N ILE B 3 7.51 15.74 4.53
CA ILE B 3 7.87 15.29 5.89
C ILE B 3 6.93 15.78 6.99
N ASN B 4 6.30 16.93 6.79
CA ASN B 4 5.42 17.51 7.83
C ASN B 4 3.95 17.21 7.70
N LYS B 5 3.54 16.58 6.61
CA LYS B 5 2.11 16.51 6.27
C LYS B 5 1.52 15.31 6.97
N ASN B 6 0.43 15.48 7.72
CA ASN B 6 -0.16 14.33 8.42
C ASN B 6 -0.54 13.24 7.46
N LYS B 8 -1.92 8.83 7.21
CA LYS B 8 -2.55 7.65 7.82
C LYS B 8 -1.62 6.44 7.61
N LEU B 9 -1.47 5.65 8.69
CA LEU B 9 -0.93 4.28 8.62
C LEU B 9 -1.94 3.29 9.19
N GLY B 10 -1.84 2.08 8.62
CA GLY B 10 -2.64 0.96 9.09
C GLY B 10 -1.83 -0.30 9.07
N GLN B 11 -2.00 -1.13 10.11
CA GLN B 11 -1.27 -2.38 10.18
C GLN B 11 -2.15 -3.44 10.87
N LYS B 12 -2.31 -4.58 10.19
CA LYS B 12 -2.99 -5.74 10.78
C LYS B 12 -2.08 -6.50 11.68
N VAL B 13 -2.65 -6.96 12.81
CA VAL B 13 -1.98 -7.87 13.73
C VAL B 13 -2.88 -9.08 13.89
N LEU B 14 -2.36 -10.22 13.47
CA LEU B 14 -3.07 -11.48 13.57
C LEU B 14 -3.31 -11.93 14.96
N ILE B 15 -4.54 -12.34 15.22
CA ILE B 15 -4.87 -12.99 16.51
C ILE B 15 -4.76 -14.47 16.29
N PRO B 16 -3.95 -15.23 17.09
CA PRO B 16 -3.64 -16.67 16.83
C PRO B 16 -4.72 -17.63 17.26
N VAL B 17 -5.88 -17.49 16.59
CA VAL B 17 -7.05 -18.29 16.96
C VAL B 17 -6.85 -19.76 16.71
N LYS B 18 -6.28 -20.12 15.56
CA LYS B 18 -6.10 -21.55 15.25
C LYS B 18 -5.14 -22.27 16.19
N GLN B 19 -4.13 -21.54 16.63
CA GLN B 19 -3.21 -22.06 17.61
C GLN B 19 -3.79 -22.27 18.99
N PHE B 20 -4.76 -21.41 19.37
CA PHE B 20 -5.36 -21.40 20.68
C PHE B 20 -6.87 -21.26 20.59
N PRO B 21 -7.54 -22.27 20.06
CA PRO B 21 -8.99 -22.10 19.69
C PRO B 21 -9.92 -22.07 20.91
N LYS B 22 -9.43 -22.40 22.11
CA LYS B 22 -10.21 -22.34 23.33
C LYS B 22 -10.00 -21.01 24.11
N PHE B 23 -9.11 -20.13 23.65
CA PHE B 23 -8.78 -18.91 24.41
C PHE B 23 -9.58 -17.72 23.90
N ASN B 24 -10.23 -17.00 24.81
CA ASN B 24 -11.08 -15.92 24.41
C ASN B 24 -10.33 -14.57 24.20
N PHE B 25 -9.63 -14.52 23.06
CA PHE B 25 -8.87 -13.30 22.71
C PHE B 25 -9.73 -12.05 22.70
N VAL B 26 -10.89 -12.12 22.10
CA VAL B 26 -11.78 -10.97 21.93
C VAL B 26 -12.30 -10.47 23.24
N GLY B 27 -12.75 -11.39 24.09
CA GLY B 27 -13.30 -11.00 25.39
C GLY B 27 -12.31 -10.29 26.24
N LYS B 28 -11.09 -10.79 26.17
CA LYS B 28 -10.05 -10.15 26.93
C LYS B 28 -9.68 -8.76 26.47
N LEU B 29 -9.72 -8.56 25.16
CA LEU B 29 -9.43 -7.25 24.62
C LEU B 29 -10.55 -6.24 24.90
N LEU B 30 -11.80 -6.68 24.79
CA LEU B 30 -12.93 -5.80 24.96
C LEU B 30 -13.57 -5.76 26.32
N GLY B 31 -13.23 -6.68 27.22
CA GLY B 31 -13.96 -6.78 28.48
C GLY B 31 -13.94 -5.47 29.28
N PRO B 32 -15.04 -5.15 29.98
CA PRO B 32 -15.13 -3.91 30.75
C PRO B 32 -14.19 -3.83 31.95
N ARG B 33 -13.71 -4.97 32.48
CA ARG B 33 -12.77 -4.87 33.58
C ARG B 33 -11.37 -4.41 33.15
N GLY B 34 -10.93 -4.95 32.03
CA GLY B 34 -9.62 -4.50 31.48
C GLY B 34 -9.70 -3.23 30.70
N ASN B 35 -10.79 -3.03 29.94
CA ASN B 35 -10.94 -1.90 29.06
C ASN B 35 -9.62 -1.84 28.27
N SER B 36 -9.13 -3.03 27.90
CA SER B 36 -7.74 -3.22 27.53
C SER B 36 -7.44 -2.62 26.19
N LEU B 37 -8.31 -2.86 25.23
CA LEU B 37 -8.12 -2.21 23.92
C LEU B 37 -8.24 -0.66 24.03
N LYS B 38 -9.21 -0.16 24.79
CA LYS B 38 -9.37 1.26 24.96
C LYS B 38 -8.11 1.91 25.55
N ARG B 39 -7.61 1.28 26.59
CA ARG B 39 -6.42 1.76 27.26
C ARG B 39 -5.21 1.75 26.36
N LEU B 40 -5.09 0.71 25.55
CA LEU B 40 -3.97 0.58 24.67
C LEU B 40 -4.01 1.66 23.63
N GLN B 41 -5.17 1.99 23.13
CA GLN B 41 -5.31 3.12 22.20
C GLN B 41 -4.89 4.43 22.80
N GLU B 42 -5.33 4.69 24.02
CA GLU B 42 -5.04 5.93 24.68
C GLU B 42 -3.54 6.09 24.96
N GLU B 43 -2.91 5.02 25.44
CA GLU B 43 -1.48 5.06 25.81
C GLU B 43 -0.60 5.22 24.59
N THR B 44 -1.03 4.64 23.46
CA THR B 44 -0.18 4.66 22.27
C THR B 44 -0.55 5.72 21.25
N LEU B 45 -1.68 6.46 21.43
CA LEU B 45 -2.17 7.44 20.47
C LEU B 45 -2.44 6.80 19.10
N THR B 46 -2.98 5.58 19.12
CA THR B 46 -3.46 4.90 17.93
C THR B 46 -4.91 4.52 18.12
N LYS B 47 -5.51 4.04 17.03
CA LYS B 47 -6.90 3.57 17.04
C LYS B 47 -6.95 2.15 16.57
N SER B 49 -9.24 -1.61 16.02
CA SER B 49 -10.53 -2.28 15.81
C SER B 49 -10.29 -3.77 15.61
N ILE B 50 -11.19 -4.60 16.14
CA ILE B 50 -11.11 -6.03 15.97
C ILE B 50 -11.97 -6.37 14.73
N LEU B 51 -11.32 -6.99 13.74
CA LEU B 51 -11.90 -7.26 12.45
C LEU B 51 -11.65 -8.68 12.05
N GLY B 52 -12.26 -9.11 10.95
CA GLY B 52 -11.99 -10.46 10.38
C GLY B 52 -12.99 -11.48 10.85
N LYS B 53 -12.80 -12.70 10.37
CA LYS B 53 -13.64 -13.80 10.74
C LYS B 53 -13.72 -13.98 12.24
N GLY B 54 -14.93 -14.09 12.72
CA GLY B 54 -15.22 -14.24 14.13
C GLY B 54 -15.32 -12.97 14.93
N SER B 55 -15.09 -11.82 14.30
CA SER B 55 -15.12 -10.57 15.02
C SER B 55 -16.52 -10.11 15.43
N ARG B 57 -18.99 -12.64 16.42
CA ARG B 57 -19.57 -13.70 17.32
C ARG B 57 -21.07 -13.89 17.21
N ASP B 58 -21.44 -13.88 15.97
CA ASP B 58 -22.83 -13.90 15.60
C ASP B 58 -22.57 -14.31 14.21
N LYS B 59 -22.29 -15.59 14.11
CA LYS B 59 -21.71 -16.21 12.94
C LYS B 59 -22.63 -16.05 11.74
N ALA B 60 -23.94 -16.20 11.94
CA ALA B 60 -24.89 -16.08 10.84
C ALA B 60 -24.94 -14.66 10.26
N LYS B 61 -25.00 -13.65 11.14
CA LYS B 61 -25.04 -12.26 10.69
C LYS B 61 -23.74 -11.95 9.95
N GLU B 62 -22.64 -12.44 10.52
CA GLU B 62 -21.33 -12.24 9.93
C GLU B 62 -21.27 -12.79 8.51
N GLU B 63 -21.81 -13.98 8.32
CA GLU B 63 -21.90 -14.52 6.97
C GLU B 63 -22.77 -13.66 6.02
N GLU B 64 -23.90 -13.17 6.53
CA GLU B 64 -24.80 -12.34 5.72
C GLU B 64 -24.10 -11.08 5.30
N LEU B 65 -23.38 -10.46 6.23
CA LEU B 65 -22.64 -9.24 5.93
C LEU B 65 -21.50 -9.48 4.94
N ARG B 66 -20.81 -10.58 5.10
CA ARG B 66 -19.76 -11.00 4.17
C ARG B 66 -20.36 -11.20 2.80
N LYS B 67 -21.52 -11.88 2.71
CA LYS B 67 -22.17 -12.14 1.45
C LYS B 67 -22.79 -10.91 0.76
N SER B 68 -23.10 -9.88 1.56
CA SER B 68 -23.70 -8.62 1.04
C SER B 68 -22.80 -7.97 0.00
N GLY B 69 -21.49 -8.16 0.14
CA GLY B 69 -20.54 -7.50 -0.78
C GLY B 69 -20.31 -6.00 -0.53
N GLU B 70 -20.83 -5.47 0.57
CA GLU B 70 -20.60 -4.10 0.93
C GLU B 70 -19.16 -3.95 1.35
N ALA B 71 -18.53 -2.90 0.90
CA ALA B 71 -17.11 -2.67 1.17
C ALA B 71 -16.72 -2.65 2.67
N LYS B 72 -17.62 -2.12 3.48
CA LYS B 72 -17.36 -2.03 4.93
C LYS B 72 -17.26 -3.37 5.60
N TYR B 73 -17.67 -4.44 4.91
CA TYR B 73 -17.54 -5.81 5.41
C TYR B 73 -16.51 -6.69 4.67
N PHE B 74 -15.72 -6.11 3.78
CA PHE B 74 -14.68 -6.88 3.13
C PHE B 74 -13.72 -7.52 4.11
N HIS B 75 -13.47 -6.84 5.24
CA HIS B 75 -12.56 -7.38 6.27
C HIS B 75 -12.99 -8.77 6.77
N LEU B 76 -14.28 -9.07 6.70
CA LEU B 76 -14.77 -10.39 7.17
C LEU B 76 -14.18 -11.58 6.42
N ASN B 77 -13.55 -11.34 5.25
CA ASN B 77 -12.87 -12.36 4.47
C ASN B 77 -11.45 -12.71 4.95
N ASP B 78 -10.89 -11.92 5.88
CA ASP B 78 -9.60 -12.13 6.50
C ASP B 78 -9.72 -12.86 7.82
N ASP B 79 -8.62 -13.47 8.26
CA ASP B 79 -8.56 -14.06 9.60
C ASP B 79 -8.71 -12.98 10.66
N LEU B 80 -9.19 -13.40 11.84
CA LEU B 80 -9.36 -12.44 12.95
C LEU B 80 -8.09 -11.66 13.23
N HIS B 81 -8.21 -10.35 13.37
CA HIS B 81 -7.06 -9.55 13.59
C HIS B 81 -7.44 -8.25 14.29
N VAL B 82 -6.43 -7.58 14.86
CA VAL B 82 -6.58 -6.20 15.28
C VAL B 82 -6.04 -5.32 14.13
N LEU B 83 -6.81 -4.34 13.67
CA LEU B 83 -6.30 -3.31 12.74
C LEU B 83 -5.91 -2.11 13.57
N ILE B 84 -4.63 -1.76 13.56
CA ILE B 84 -4.13 -0.60 14.26
C ILE B 84 -3.94 0.52 13.23
N GLU B 85 -4.58 1.69 13.50
CA GLU B 85 -4.51 2.83 12.59
C GLU B 85 -4.01 4.04 13.34
N VAL B 86 -3.40 4.96 12.62
CA VAL B 86 -2.92 6.22 13.21
C VAL B 86 -2.98 7.30 12.15
N PHE B 87 -3.19 8.53 12.60
CA PHE B 87 -3.14 9.70 11.74
C PHE B 87 -2.32 10.76 12.48
N ALA B 88 -1.16 11.10 11.91
CA ALA B 88 -0.18 11.96 12.57
C ALA B 88 0.86 12.37 11.53
N PRO B 89 1.76 13.30 11.90
CA PRO B 89 2.85 13.54 10.96
C PRO B 89 3.75 12.33 10.87
N PRO B 90 4.38 12.11 9.72
CA PRO B 90 5.05 10.82 9.46
C PRO B 90 5.93 10.28 10.59
N ALA B 91 6.83 11.08 11.14
CA ALA B 91 7.69 10.59 12.16
C ALA B 91 6.92 10.07 13.36
N GLU B 92 5.89 10.82 13.78
CA GLU B 92 5.08 10.42 14.89
C GLU B 92 4.17 9.24 14.56
N ALA B 93 3.65 9.20 13.33
CA ALA B 93 2.79 8.11 12.91
C ALA B 93 3.53 6.79 13.05
N TYR B 94 4.76 6.74 12.54
CA TYR B 94 5.49 5.49 12.58
C TYR B 94 5.91 5.15 14.02
N ALA B 95 6.39 6.12 14.77
CA ALA B 95 6.76 5.86 16.13
C ALA B 95 5.58 5.35 16.96
N ARG B 96 4.42 5.98 16.84
CA ARG B 96 3.21 5.54 17.58
C ARG B 96 2.80 4.12 17.20
N GLY B 98 4.85 1.76 16.15
CA GLY B 98 5.80 0.89 16.76
C GLY B 98 5.52 0.64 18.23
N HIS B 99 5.15 1.70 18.94
CA HIS B 99 4.78 1.58 20.38
C HIS B 99 3.53 0.70 20.53
N ALA B 100 2.51 0.94 19.70
CA ALA B 100 1.32 0.07 19.70
C ALA B 100 1.61 -1.39 19.43
N LEU B 101 2.48 -1.64 18.46
CA LEU B 101 2.82 -3.03 18.10
C LEU B 101 3.57 -3.73 19.23
N GLU B 102 4.43 -3.01 19.92
CA GLU B 102 5.06 -3.61 21.11
C GLU B 102 4.02 -3.90 22.21
N GLU B 103 3.14 -2.96 22.48
CA GLU B 103 2.23 -3.06 23.61
C GLU B 103 1.16 -4.05 23.39
N ILE B 104 0.80 -4.37 22.16
CA ILE B 104 -0.27 -5.34 21.93
C ILE B 104 0.22 -6.78 22.19
N LYS B 105 1.54 -7.00 22.17
CA LYS B 105 2.05 -8.37 22.25
C LYS B 105 1.55 -9.17 23.42
N LYS B 106 1.47 -8.53 24.60
CA LYS B 106 1.06 -9.23 25.82
C LYS B 106 -0.37 -9.75 25.75
N PHE B 107 -1.21 -9.14 24.94
CA PHE B 107 -2.58 -9.61 24.75
C PHE B 107 -2.78 -10.78 23.84
N LEU B 108 -1.73 -11.15 23.15
CA LEU B 108 -1.80 -12.19 22.16
C LEU B 108 -1.13 -13.50 22.68
N ILE B 109 -0.66 -13.50 23.93
CA ILE B 109 0.03 -14.65 24.54
C ILE B 109 -0.83 -15.22 25.62
N PRO B 110 -1.44 -16.35 25.38
CA PRO B 110 -2.36 -16.89 26.41
C PRO B 110 -1.68 -17.29 27.72
N ASP B 111 -2.33 -16.98 28.82
CA ASP B 111 -1.96 -17.38 30.14
C ASP B 111 -3.27 -17.72 30.92
N TYR B 112 -3.26 -17.73 32.24
CA TYR B 112 -4.41 -18.10 33.07
C TYR B 112 -5.01 -16.89 33.82
N ASN B 113 -4.64 -15.68 33.37
N ASN B 113 -4.64 -15.69 33.37
CA ASN B 113 -5.06 -14.38 33.93
CA ASN B 113 -5.01 -14.42 33.98
C ASN B 113 -5.85 -13.55 32.90
C ASN B 113 -6.15 -13.75 33.23
N GLY C 1 0.12 -12.68 -3.64
CA GLY C 1 -0.87 -13.72 -3.16
C GLY C 1 -1.17 -14.72 -4.25
N ALA C 2 -1.98 -15.70 -3.90
CA ALA C 2 -2.31 -16.79 -4.82
C ALA C 2 -3.20 -16.26 -5.93
N ILE C 3 -3.00 -16.75 -7.13
CA ILE C 3 -3.71 -16.20 -8.31
C ILE C 3 -5.23 -16.33 -8.21
N ASN C 4 -5.73 -17.37 -7.49
CA ASN C 4 -7.17 -17.60 -7.42
C ASN C 4 -7.84 -17.08 -6.16
N LYS C 5 -7.10 -16.48 -5.23
CA LYS C 5 -7.64 -16.08 -3.93
C LYS C 5 -8.18 -14.65 -3.99
N ASN C 6 -9.42 -14.47 -3.54
CA ASN C 6 -10.01 -13.13 -3.55
C ASN C 6 -9.17 -12.15 -2.75
N LYS C 8 -8.74 -7.62 -1.82
CA LYS C 8 -9.30 -6.27 -1.83
C LYS C 8 -8.29 -5.34 -2.55
N LEU C 9 -8.86 -4.43 -3.35
CA LEU C 9 -8.14 -3.25 -3.81
C LEU C 9 -8.94 -1.99 -3.46
N GLY C 10 -8.19 -0.94 -3.28
CA GLY C 10 -8.70 0.42 -3.05
C GLY C 10 -7.89 1.45 -3.78
N GLN C 11 -8.58 2.45 -4.34
CA GLN C 11 -7.93 3.50 -5.06
C GLN C 11 -8.73 4.82 -4.87
N LYS C 12 -8.05 5.85 -4.42
CA LYS C 12 -8.59 7.21 -4.40
C LYS C 12 -8.53 7.88 -5.73
N VAL C 13 -9.61 8.63 -6.05
CA VAL C 13 -9.65 9.48 -7.24
C VAL C 13 -10.03 10.88 -6.79
N LEU C 14 -9.10 11.79 -7.01
CA LEU C 14 -9.28 13.18 -6.65
C LEU C 14 -10.39 13.86 -7.46
N ILE C 15 -11.26 14.50 -6.75
CA ILE C 15 -12.33 15.31 -7.41
C ILE C 15 -11.75 16.70 -7.68
N PRO C 16 -11.77 17.20 -8.94
CA PRO C 16 -11.04 18.41 -9.32
C PRO C 16 -11.78 19.71 -8.93
N VAL C 17 -11.94 19.92 -7.62
CA VAL C 17 -12.69 21.07 -7.10
C VAL C 17 -11.98 22.38 -7.44
N LYS C 18 -10.65 22.40 -7.35
CA LYS C 18 -9.91 23.62 -7.68
C LYS C 18 -10.05 24.04 -9.13
N GLN C 19 -10.06 23.04 -9.99
CA GLN C 19 -10.27 23.28 -11.41
C GLN C 19 -11.65 23.86 -11.78
N PHE C 20 -12.67 23.44 -11.08
CA PHE C 20 -14.07 23.78 -11.39
C PHE C 20 -14.75 24.06 -10.06
N PRO C 21 -14.40 25.20 -9.43
CA PRO C 21 -14.93 25.52 -8.10
C PRO C 21 -16.43 25.82 -8.06
N LYS C 22 -17.05 26.01 -9.20
CA LYS C 22 -18.50 26.29 -9.30
C LYS C 22 -19.33 25.02 -9.55
N PHE C 23 -18.69 23.89 -9.82
CA PHE C 23 -19.45 22.71 -10.25
C PHE C 23 -19.75 21.83 -9.06
N ASN C 24 -20.99 21.32 -8.98
CA ASN C 24 -21.37 20.41 -7.90
C ASN C 24 -21.01 18.97 -8.24
N PHE C 25 -19.76 18.60 -7.99
CA PHE C 25 -19.31 17.25 -8.27
C PHE C 25 -20.00 16.19 -7.44
N VAL C 26 -20.32 16.52 -6.20
CA VAL C 26 -20.97 15.58 -5.37
C VAL C 26 -22.36 15.30 -5.94
N GLY C 27 -23.08 16.34 -6.32
CA GLY C 27 -24.41 16.19 -6.91
C GLY C 27 -24.31 15.38 -8.23
N LYS C 28 -23.30 15.66 -9.02
CA LYS C 28 -23.05 14.91 -10.26
C LYS C 28 -22.76 13.44 -10.09
N LEU C 29 -21.91 13.13 -9.10
CA LEU C 29 -21.61 11.76 -8.87
C LEU C 29 -22.80 11.00 -8.28
N LEU C 30 -23.51 11.62 -7.33
CA LEU C 30 -24.66 10.94 -6.76
C LEU C 30 -25.86 10.83 -7.71
N GLY C 31 -26.17 11.88 -8.41
CA GLY C 31 -27.37 11.91 -9.21
C GLY C 31 -28.61 11.96 -8.36
N PRO C 32 -29.73 11.79 -9.03
CA PRO C 32 -31.00 11.85 -8.31
C PRO C 32 -31.16 10.72 -7.34
N ARG C 33 -31.39 11.09 -6.07
CA ARG C 33 -31.45 10.19 -4.95
C ARG C 33 -30.32 9.20 -4.89
N GLY C 34 -29.10 9.59 -5.28
CA GLY C 34 -27.93 8.73 -5.31
C GLY C 34 -27.90 7.63 -6.37
N ASN C 35 -28.86 7.73 -7.33
CA ASN C 35 -29.01 6.66 -8.28
C ASN C 35 -27.87 6.62 -9.29
N SER C 36 -27.23 7.74 -9.61
CA SER C 36 -26.11 7.72 -10.59
C SER C 36 -24.93 6.94 -9.99
N LEU C 37 -24.58 7.19 -8.72
CA LEU C 37 -23.50 6.45 -8.13
C LEU C 37 -23.89 5.01 -7.97
N LYS C 38 -25.15 4.74 -7.61
CA LYS C 38 -25.59 3.37 -7.43
C LYS C 38 -25.45 2.59 -8.74
N ARG C 39 -25.89 3.20 -9.82
CA ARG C 39 -25.72 2.61 -11.12
C ARG C 39 -24.30 2.40 -11.54
N LEU C 40 -23.42 3.34 -11.25
CA LEU C 40 -22.01 3.23 -11.62
C LEU C 40 -21.37 2.06 -10.88
N GLN C 41 -21.73 1.92 -9.61
CA GLN C 41 -21.19 0.75 -8.86
C GLN C 41 -21.68 -0.53 -9.45
N GLU C 42 -22.96 -0.60 -9.82
CA GLU C 42 -23.55 -1.79 -10.40
C GLU C 42 -22.92 -2.15 -11.73
N GLU C 43 -22.63 -1.16 -12.54
CA GLU C 43 -22.08 -1.38 -13.87
C GLU C 43 -20.65 -1.82 -13.81
N THR C 44 -19.91 -1.33 -12.82
CA THR C 44 -18.46 -1.63 -12.76
C THR C 44 -18.13 -2.75 -11.73
N LEU C 45 -19.11 -3.18 -10.93
CA LEU C 45 -18.91 -4.21 -9.89
C LEU C 45 -17.89 -3.77 -8.85
N THR C 46 -17.86 -2.47 -8.56
CA THR C 46 -17.01 -1.89 -7.56
C THR C 46 -17.92 -1.19 -6.55
N LYS C 47 -17.33 -0.79 -5.43
CA LYS C 47 -18.03 0.00 -4.42
C LYS C 47 -17.31 1.35 -4.26
N SER C 49 -17.30 5.40 -2.47
CA SER C 49 -17.74 6.31 -1.43
C SER C 49 -17.09 7.68 -1.69
N ILE C 50 -17.84 8.72 -1.39
CA ILE C 50 -17.34 10.08 -1.51
C ILE C 50 -16.82 10.51 -0.14
N LEU C 51 -15.50 10.82 -0.08
CA LEU C 51 -14.79 11.05 1.16
C LEU C 51 -14.01 12.35 1.07
N GLY C 52 -13.44 12.77 2.16
CA GLY C 52 -12.56 13.91 2.18
C GLY C 52 -13.25 15.19 2.57
N LYS C 53 -12.46 16.25 2.56
CA LYS C 53 -12.95 17.60 2.87
C LYS C 53 -14.07 18.03 1.93
N GLY C 54 -15.20 18.42 2.54
CA GLY C 54 -16.38 18.80 1.82
C GLY C 54 -17.32 17.70 1.43
N SER C 55 -17.04 16.47 1.85
CA SER C 55 -17.92 15.36 1.58
C SER C 55 -19.19 15.34 2.43
N ARG C 57 -22.35 17.57 4.12
CA ARG C 57 -23.04 18.82 3.80
C ARG C 57 -22.82 19.92 4.83
N ASP C 58 -22.53 19.58 6.08
CA ASP C 58 -22.39 20.53 7.16
C ASP C 58 -20.92 20.65 7.51
N LYS C 59 -20.35 21.81 7.20
CA LYS C 59 -18.94 22.09 7.40
C LYS C 59 -18.53 22.01 8.86
N ALA C 60 -19.38 22.51 9.74
CA ALA C 60 -19.08 22.50 11.17
C ALA C 60 -18.99 21.03 11.73
N LYS C 61 -19.97 20.20 11.37
CA LYS C 61 -20.02 18.84 11.86
C LYS C 61 -18.77 18.14 11.35
N GLU C 62 -18.45 18.40 10.08
CA GLU C 62 -17.30 17.83 9.43
C GLU C 62 -16.03 18.14 10.21
N GLU C 63 -15.88 19.38 10.61
CA GLU C 63 -14.75 19.76 11.45
C GLU C 63 -14.74 19.10 12.82
N GLU C 64 -15.91 18.97 13.45
CA GLU C 64 -16.02 18.29 14.74
C GLU C 64 -15.54 16.82 14.58
N LEU C 65 -16.04 16.18 13.53
CA LEU C 65 -15.69 14.72 13.31
C LEU C 65 -14.22 14.55 13.01
N ARG C 66 -13.69 15.48 12.19
CA ARG C 66 -12.27 15.51 11.91
C ARG C 66 -11.48 15.68 13.20
N LYS C 67 -11.91 16.60 14.06
CA LYS C 67 -11.23 16.86 15.32
C LYS C 67 -11.37 15.77 16.39
N SER C 68 -12.42 14.96 16.28
CA SER C 68 -12.64 13.82 17.20
C SER C 68 -11.47 12.83 17.21
N GLY C 69 -10.78 12.70 16.09
CA GLY C 69 -9.67 11.80 15.96
C GLY C 69 -10.07 10.33 15.80
N GLU C 70 -11.36 10.05 15.61
CA GLU C 70 -11.77 8.65 15.40
C GLU C 70 -11.30 8.22 14.02
N ALA C 71 -10.86 6.95 13.93
CA ALA C 71 -10.30 6.43 12.70
C ALA C 71 -11.25 6.47 11.53
N LYS C 72 -12.53 6.27 11.80
CA LYS C 72 -13.55 6.34 10.73
C LYS C 72 -13.65 7.69 10.03
N TYR C 73 -13.10 8.74 10.63
CA TYR C 73 -13.12 10.10 10.07
C TYR C 73 -11.75 10.60 9.69
N PHE C 74 -10.73 9.73 9.69
CA PHE C 74 -9.43 10.16 9.17
C PHE C 74 -9.50 10.67 7.74
N HIS C 75 -10.40 10.15 6.92
CA HIS C 75 -10.50 10.59 5.52
C HIS C 75 -10.87 12.07 5.39
N LEU C 76 -11.48 12.65 6.43
CA LEU C 76 -11.85 14.09 6.39
C LEU C 76 -10.67 15.03 6.36
N ASN C 77 -9.47 14.50 6.62
CA ASN C 77 -8.22 15.29 6.46
C ASN C 77 -7.70 15.37 5.03
N ASP C 78 -8.24 14.54 4.14
CA ASP C 78 -7.78 14.50 2.74
C ASP C 78 -8.62 15.40 1.91
N ASP C 79 -8.16 15.70 0.71
CA ASP C 79 -8.97 16.40 -0.25
C ASP C 79 -10.17 15.55 -0.66
N LEU C 80 -11.22 16.24 -1.14
CA LEU C 80 -12.41 15.54 -1.63
C LEU C 80 -12.02 14.51 -2.71
N HIS C 81 -12.54 13.29 -2.54
CA HIS C 81 -12.21 12.22 -3.45
C HIS C 81 -13.26 11.13 -3.46
N VAL C 82 -13.24 10.32 -4.52
CA VAL C 82 -13.98 9.07 -4.51
C VAL C 82 -12.99 7.97 -4.10
N LEU C 83 -13.36 7.11 -3.16
CA LEU C 83 -12.62 5.90 -2.89
C LEU C 83 -13.35 4.77 -3.61
N ILE C 84 -12.67 4.13 -4.54
CA ILE C 84 -13.16 2.97 -5.23
C ILE C 84 -12.55 1.74 -4.60
N GLU C 85 -13.38 0.78 -4.25
CA GLU C 85 -12.94 -0.46 -3.61
C GLU C 85 -13.57 -1.64 -4.33
N VAL C 86 -12.85 -2.78 -4.27
CA VAL C 86 -13.33 -3.96 -4.93
C VAL C 86 -12.80 -5.19 -4.18
N PHE C 87 -13.57 -6.26 -4.21
CA PHE C 87 -13.14 -7.54 -3.62
C PHE C 87 -13.49 -8.67 -4.58
N ALA C 88 -12.45 -9.28 -5.13
CA ALA C 88 -12.59 -10.23 -6.23
C ALA C 88 -11.28 -10.96 -6.41
N PRO C 89 -11.24 -12.03 -7.26
CA PRO C 89 -9.93 -12.56 -7.54
C PRO C 89 -9.06 -11.57 -8.24
N PRO C 90 -7.73 -11.68 -8.11
CA PRO C 90 -6.84 -10.62 -8.56
C PRO C 90 -7.15 -10.15 -9.98
N ALA C 91 -7.32 -11.05 -10.95
CA ALA C 91 -7.51 -10.58 -12.34
C ALA C 91 -8.76 -9.75 -12.50
N GLU C 92 -9.83 -10.23 -11.88
CA GLU C 92 -11.10 -9.52 -11.89
C GLU C 92 -11.00 -8.18 -11.11
N ALA C 93 -10.34 -8.20 -9.96
CA ALA C 93 -10.22 -7.03 -9.14
C ALA C 93 -9.56 -5.88 -9.93
N TYR C 94 -8.43 -6.17 -10.54
CA TYR C 94 -7.71 -5.14 -11.28
C TYR C 94 -8.50 -4.70 -12.50
N ALA C 95 -9.06 -5.67 -13.25
CA ALA C 95 -9.84 -5.32 -14.42
C ALA C 95 -11.02 -4.41 -14.06
N ARG C 96 -11.74 -4.75 -13.02
CA ARG C 96 -12.89 -3.94 -12.55
C ARG C 96 -12.46 -2.53 -12.17
N GLY C 98 -9.90 -0.94 -13.30
CA GLY C 98 -9.56 -0.17 -14.54
C GLY C 98 -10.84 0.36 -15.19
N HIS C 99 -11.85 -0.47 -15.26
CA HIS C 99 -13.16 -0.05 -15.83
C HIS C 99 -13.76 1.08 -15.01
N ALA C 100 -13.75 0.97 -13.70
CA ALA C 100 -14.30 2.00 -12.83
C ALA C 100 -13.57 3.33 -12.98
N LEU C 101 -12.26 3.25 -13.13
CA LEU C 101 -11.46 4.49 -13.34
C LEU C 101 -11.77 5.09 -14.66
N GLU C 102 -11.99 4.29 -15.69
CA GLU C 102 -12.42 4.86 -16.99
C GLU C 102 -13.72 5.61 -16.85
N GLU C 103 -14.68 5.00 -16.16
CA GLU C 103 -16.05 5.57 -16.05
C GLU C 103 -16.12 6.78 -15.18
N ILE C 104 -15.30 6.82 -14.14
CA ILE C 104 -15.42 7.92 -13.25
C ILE C 104 -14.82 9.19 -13.84
N LYS C 105 -13.90 9.06 -14.82
CA LYS C 105 -13.31 10.22 -15.45
C LYS C 105 -14.41 11.01 -16.13
N LYS C 106 -15.36 10.29 -16.74
CA LYS C 106 -16.47 10.90 -17.44
C LYS C 106 -17.39 11.64 -16.50
N PHE C 107 -17.50 11.12 -15.28
CA PHE C 107 -18.37 11.78 -14.31
C PHE C 107 -17.73 13.03 -13.81
N LEU C 108 -16.39 13.17 -13.88
CA LEU C 108 -15.73 14.35 -13.34
C LEU C 108 -15.67 15.53 -14.35
N ILE C 109 -16.36 15.41 -15.51
CA ILE C 109 -16.48 16.46 -16.48
C ILE C 109 -17.62 17.35 -15.93
N PRO C 110 -17.44 18.67 -15.90
CA PRO C 110 -18.37 19.58 -15.23
C PRO C 110 -19.62 19.93 -16.10
N ASP C 111 -20.28 18.87 -16.49
CA ASP C 111 -21.57 18.96 -17.12
C ASP C 111 -22.47 17.81 -16.77
N TYR C 112 -23.69 17.73 -17.34
CA TYR C 112 -24.60 16.62 -17.04
C TYR C 112 -24.95 15.80 -18.29
N ASN C 113 -24.08 15.86 -19.31
N ASN C 113 -24.02 15.75 -19.25
CA ASN C 113 -24.37 15.07 -20.52
CA ASN C 113 -24.16 14.81 -20.39
C ASN C 113 -24.24 13.55 -20.21
C ASN C 113 -24.13 13.35 -19.97
N GLY D 1 -5.25 9.58 -6.01
CA GLY D 1 -4.47 10.51 -6.89
C GLY D 1 -5.32 11.14 -7.97
N ALA D 2 -4.70 12.02 -8.75
CA ALA D 2 -5.41 12.67 -9.89
C ALA D 2 -5.65 11.61 -10.97
N ILE D 3 -6.84 11.67 -11.58
CA ILE D 3 -7.22 10.61 -12.51
C ILE D 3 -6.25 10.43 -13.71
N ASN D 4 -5.57 11.51 -14.12
CA ASN D 4 -4.69 11.45 -15.31
C ASN D 4 -3.21 11.27 -15.02
N LYS D 5 -2.82 11.24 -13.75
CA LYS D 5 -1.37 11.30 -13.39
C LYS D 5 -0.81 9.87 -13.37
N ASN D 6 0.27 9.62 -14.08
CA ASN D 6 0.80 8.24 -14.16
C ASN D 6 1.14 7.74 -12.77
N LYS D 8 2.47 3.95 -10.42
CA LYS D 8 3.01 2.62 -10.38
C LYS D 8 2.04 1.72 -9.61
N LEU D 9 1.86 0.51 -10.11
CA LEU D 9 1.31 -0.61 -9.36
C LEU D 9 2.28 -1.80 -9.34
N GLY D 10 2.12 -2.59 -8.29
CA GLY D 10 2.86 -3.81 -8.13
C GLY D 10 1.98 -4.85 -7.48
N GLN D 11 2.12 -6.10 -7.93
CA GLN D 11 1.35 -7.19 -7.40
C GLN D 11 2.20 -8.48 -7.44
N LYS D 12 2.36 -9.08 -6.27
CA LYS D 12 2.99 -10.41 -6.16
C LYS D 12 1.98 -11.52 -6.54
N VAL D 13 2.46 -12.50 -7.31
CA VAL D 13 1.70 -13.68 -7.67
C VAL D 13 2.46 -14.92 -7.24
N LEU D 14 1.91 -15.67 -6.30
CA LEU D 14 2.56 -16.86 -5.77
C LEU D 14 2.79 -17.89 -6.84
N ILE D 15 4.02 -18.40 -6.87
CA ILE D 15 4.34 -19.58 -7.70
C ILE D 15 4.14 -20.85 -6.85
N PRO D 16 3.29 -21.81 -7.34
CA PRO D 16 2.80 -22.89 -6.52
C PRO D 16 3.72 -24.11 -6.49
N VAL D 17 4.94 -23.86 -6.05
CA VAL D 17 5.87 -24.93 -5.70
C VAL D 17 5.33 -25.68 -4.48
N LYS D 18 5.73 -26.92 -4.41
CA LYS D 18 5.41 -27.79 -3.22
C LYS D 18 3.91 -27.97 -3.14
N GLN D 19 3.26 -28.09 -4.31
CA GLN D 19 1.80 -28.31 -4.44
C GLN D 19 1.40 -29.40 -5.40
N PHE D 20 2.23 -29.64 -6.40
CA PHE D 20 1.94 -30.49 -7.55
C PHE D 20 3.11 -31.41 -7.71
N PRO D 21 2.89 -32.61 -8.29
CA PRO D 21 4.02 -33.44 -8.61
C PRO D 21 5.06 -32.69 -9.42
N LYS D 22 6.34 -33.05 -9.25
CA LYS D 22 7.48 -32.44 -10.00
C LYS D 22 7.12 -31.71 -11.29
N PHE D 23 7.28 -30.38 -11.24
CA PHE D 23 7.02 -29.42 -12.38
C PHE D 23 7.83 -28.14 -12.23
N ASN D 24 8.62 -27.82 -13.27
CA ASN D 24 9.52 -26.70 -13.17
C ASN D 24 8.81 -25.40 -13.55
N PHE D 25 8.03 -24.86 -12.59
CA PHE D 25 7.34 -23.60 -12.83
C PHE D 25 8.23 -22.42 -13.24
N VAL D 26 9.35 -22.26 -12.56
CA VAL D 26 10.25 -21.13 -12.89
C VAL D 26 10.79 -21.26 -14.33
N GLY D 27 11.27 -22.43 -14.67
CA GLY D 27 11.79 -22.65 -15.99
C GLY D 27 10.81 -22.43 -17.06
N LYS D 28 9.58 -22.85 -16.82
CA LYS D 28 8.59 -22.64 -17.82
C LYS D 28 8.04 -21.20 -17.88
N LEU D 29 8.01 -20.41 -16.78
CA LEU D 29 7.68 -18.99 -16.80
C LEU D 29 8.74 -18.22 -17.61
N LEU D 30 10.00 -18.58 -17.36
CA LEU D 30 11.09 -17.91 -18.10
C LEU D 30 11.08 -18.31 -19.56
N GLY D 31 10.97 -19.62 -19.81
CA GLY D 31 11.18 -20.14 -21.14
C GLY D 31 12.63 -20.00 -21.58
N PRO D 32 12.94 -20.38 -22.83
CA PRO D 32 14.27 -20.34 -23.34
C PRO D 32 14.81 -18.93 -23.32
N ARG D 33 15.94 -18.79 -22.63
CA ARG D 33 16.60 -17.50 -22.38
C ARG D 33 15.68 -16.39 -21.90
N GLY D 34 14.67 -16.72 -21.10
CA GLY D 34 13.73 -15.79 -20.60
C GLY D 34 12.71 -15.26 -21.59
N ASN D 35 12.61 -15.88 -22.76
CA ASN D 35 11.76 -15.34 -23.81
C ASN D 35 10.27 -15.49 -23.50
N SER D 36 9.88 -16.49 -22.73
CA SER D 36 8.43 -16.62 -22.42
C SER D 36 8.01 -15.50 -21.50
N LEU D 37 8.83 -15.20 -20.52
CA LEU D 37 8.46 -14.07 -19.63
C LEU D 37 8.54 -12.77 -20.39
N LYS D 38 9.54 -12.62 -21.27
CA LYS D 38 9.68 -11.46 -22.09
C LYS D 38 8.40 -11.20 -22.90
N ARG D 39 7.91 -12.24 -23.54
CA ARG D 39 6.71 -12.14 -24.37
C ARG D 39 5.48 -11.74 -23.55
N LEU D 40 5.35 -12.31 -22.36
CA LEU D 40 4.22 -12.05 -21.46
C LEU D 40 4.25 -10.56 -21.08
N GLN D 41 5.43 -10.05 -20.78
CA GLN D 41 5.57 -8.61 -20.50
C GLN D 41 5.18 -7.74 -21.66
N GLU D 42 5.66 -8.07 -22.85
CA GLU D 42 5.37 -7.27 -24.04
C GLU D 42 3.91 -7.26 -24.40
N GLU D 43 3.27 -8.42 -24.30
CA GLU D 43 1.86 -8.53 -24.69
C GLU D 43 0.97 -7.81 -23.74
N THR D 44 1.37 -7.73 -22.46
CA THR D 44 0.53 -7.13 -21.45
C THR D 44 0.90 -5.68 -21.10
N LEU D 45 2.02 -5.19 -21.57
CA LEU D 45 2.56 -3.87 -21.22
C LEU D 45 2.81 -3.73 -19.71
N THR D 46 3.31 -4.81 -19.12
CA THR D 46 3.77 -4.86 -17.74
C THR D 46 5.22 -5.34 -17.69
N LYS D 47 5.80 -5.27 -16.51
CA LYS D 47 7.14 -5.74 -16.22
C LYS D 47 7.08 -6.78 -15.12
N SER D 49 9.30 -9.87 -12.75
CA SER D 49 10.54 -10.49 -12.21
C SER D 49 10.18 -11.65 -11.26
N ILE D 50 11.06 -12.64 -11.20
CA ILE D 50 10.86 -13.78 -10.30
C ILE D 50 11.72 -13.53 -9.05
N LEU D 51 11.05 -13.52 -7.91
CA LEU D 51 11.64 -13.15 -6.64
C LEU D 51 11.24 -14.11 -5.55
N GLY D 52 11.79 -13.94 -4.37
CA GLY D 52 11.43 -14.76 -3.24
C GLY D 52 12.29 -15.98 -3.07
N LYS D 53 12.00 -16.69 -2.00
CA LYS D 53 12.72 -17.91 -1.62
C LYS D 53 12.74 -18.91 -2.76
N GLY D 54 13.95 -19.35 -3.09
CA GLY D 54 14.16 -20.24 -4.20
C GLY D 54 14.29 -19.63 -5.58
N SER D 55 14.27 -18.31 -5.66
CA SER D 55 14.48 -17.63 -6.94
C SER D 55 15.94 -17.64 -7.40
N ARG D 57 19.70 -19.91 -7.83
CA ARG D 57 20.34 -21.28 -7.98
C ARG D 57 20.69 -21.98 -6.71
N ASP D 58 21.37 -21.21 -5.90
CA ASP D 58 22.18 -21.73 -4.88
C ASP D 58 21.49 -21.30 -3.61
N LYS D 59 20.95 -22.28 -2.89
CA LYS D 59 20.25 -22.06 -1.64
C LYS D 59 21.14 -21.42 -0.58
N ALA D 60 22.40 -21.84 -0.49
CA ALA D 60 23.33 -21.28 0.47
C ALA D 60 23.64 -19.80 0.22
N LYS D 61 23.96 -19.46 -1.03
CA LYS D 61 24.29 -18.07 -1.37
C LYS D 61 22.99 -17.20 -1.16
N GLU D 62 21.82 -17.77 -1.48
CA GLU D 62 20.54 -17.13 -1.19
C GLU D 62 20.35 -16.80 0.31
N GLU D 63 20.64 -17.76 1.18
CA GLU D 63 20.60 -17.49 2.62
C GLU D 63 21.59 -16.41 3.07
N GLU D 64 22.79 -16.43 2.50
CA GLU D 64 23.77 -15.41 2.83
C GLU D 64 23.27 -14.02 2.44
N LEU D 65 22.68 -13.93 1.25
CA LEU D 65 22.17 -12.63 0.77
C LEU D 65 20.99 -12.14 1.60
N ARG D 66 20.12 -13.07 1.95
CA ARG D 66 19.00 -12.77 2.82
C ARG D 66 19.54 -12.25 4.17
N LYS D 67 20.55 -12.92 4.73
CA LYS D 67 21.15 -12.51 6.02
C LYS D 67 21.94 -11.19 5.97
N SER D 68 22.44 -10.81 4.79
CA SER D 68 23.20 -9.57 4.60
C SER D 68 22.44 -8.32 5.01
N GLY D 69 21.13 -8.35 4.86
CA GLY D 69 20.31 -7.21 5.18
C GLY D 69 20.32 -6.08 4.15
N GLU D 70 20.92 -6.30 2.97
CA GLU D 70 20.84 -5.31 1.89
C GLU D 70 19.42 -5.27 1.31
N ALA D 71 18.91 -4.06 1.01
CA ALA D 71 17.56 -3.87 0.56
C ALA D 71 17.22 -4.63 -0.73
N LYS D 72 18.24 -4.79 -1.58
CA LYS D 72 18.03 -5.53 -2.85
C LYS D 72 17.73 -7.00 -2.65
N TYR D 73 17.98 -7.53 -1.45
CA TYR D 73 17.64 -8.89 -1.12
C TYR D 73 16.53 -9.07 -0.07
N PHE D 74 15.80 -7.99 0.27
CA PHE D 74 14.65 -8.16 1.18
C PHE D 74 13.62 -9.16 0.62
N HIS D 75 13.48 -9.23 -0.70
CA HIS D 75 12.49 -10.13 -1.30
C HIS D 75 12.75 -11.59 -1.00
N LEU D 76 13.99 -11.94 -0.69
CA LEU D 76 14.31 -13.34 -0.36
C LEU D 76 13.65 -13.85 0.93
N ASN D 77 13.05 -12.92 1.71
CA ASN D 77 12.23 -13.28 2.88
C ASN D 77 10.77 -13.70 2.55
N ASP D 78 10.33 -13.46 1.32
CA ASP D 78 8.98 -13.84 0.85
C ASP D 78 8.98 -15.16 0.12
N ASP D 79 7.80 -15.74 -0.01
CA ASP D 79 7.64 -16.97 -0.78
C ASP D 79 7.92 -16.70 -2.26
N LEU D 80 8.33 -17.73 -2.99
CA LEU D 80 8.60 -17.56 -4.41
C LEU D 80 7.42 -16.97 -5.15
N HIS D 81 7.66 -15.95 -5.96
CA HIS D 81 6.57 -15.27 -6.65
C HIS D 81 7.05 -14.56 -7.87
N VAL D 82 6.09 -14.22 -8.74
CA VAL D 82 6.32 -13.26 -9.81
C VAL D 82 5.85 -11.91 -9.30
N LEU D 83 6.70 -10.89 -9.41
CA LEU D 83 6.26 -9.53 -9.13
C LEU D 83 5.95 -8.88 -10.45
N ILE D 84 4.67 -8.47 -10.59
CA ILE D 84 4.22 -7.83 -11.81
C ILE D 84 4.05 -6.34 -11.49
N GLU D 85 4.65 -5.50 -12.30
CA GLU D 85 4.71 -4.04 -12.08
C GLU D 85 4.30 -3.33 -13.32
N VAL D 86 3.73 -2.14 -13.17
CA VAL D 86 3.28 -1.34 -14.30
C VAL D 86 3.39 0.12 -13.92
N PHE D 87 3.64 0.96 -14.91
CA PHE D 87 3.64 2.41 -14.73
C PHE D 87 2.87 3.01 -15.89
N ALA D 88 1.73 3.64 -15.59
CA ALA D 88 0.78 4.10 -16.61
C ALA D 88 -0.26 4.98 -15.93
N PRO D 89 -1.07 5.74 -16.71
CA PRO D 89 -2.20 6.42 -16.05
C PRO D 89 -3.11 5.42 -15.34
N PRO D 90 -3.77 5.84 -14.25
CA PRO D 90 -4.48 4.87 -13.39
C PRO D 90 -5.36 3.86 -14.12
N ALA D 91 -6.25 4.33 -15.00
CA ALA D 91 -7.14 3.34 -15.64
C ALA D 91 -6.38 2.30 -16.43
N GLU D 92 -5.35 2.75 -17.15
CA GLU D 92 -4.53 1.83 -17.90
C GLU D 92 -3.68 0.94 -17.03
N ALA D 93 -3.12 1.47 -15.93
CA ALA D 93 -2.30 0.68 -15.03
C ALA D 93 -3.09 -0.51 -14.48
N TYR D 94 -4.33 -0.24 -14.04
CA TYR D 94 -5.11 -1.33 -13.49
C TYR D 94 -5.53 -2.33 -14.60
N ALA D 95 -5.99 -1.81 -15.76
CA ALA D 95 -6.36 -2.70 -16.83
C ALA D 95 -5.25 -3.60 -17.33
N ARG D 96 -4.04 -3.04 -17.47
CA ARG D 96 -2.86 -3.80 -17.85
C ARG D 96 -2.52 -4.90 -16.81
N GLY D 98 -4.70 -6.30 -14.85
CA GLY D 98 -5.71 -7.37 -14.94
C GLY D 98 -5.43 -8.31 -16.11
N HIS D 99 -4.98 -7.75 -17.24
CA HIS D 99 -4.60 -8.55 -18.42
C HIS D 99 -3.43 -9.46 -18.08
N ALA D 100 -2.40 -8.90 -17.43
CA ALA D 100 -1.25 -9.71 -17.02
C ALA D 100 -1.65 -10.86 -16.11
N LEU D 101 -2.57 -10.58 -15.19
CA LEU D 101 -2.98 -11.60 -14.24
C LEU D 101 -3.79 -12.67 -14.95
N GLU D 102 -4.56 -12.32 -15.97
CA GLU D 102 -5.21 -13.37 -16.83
C GLU D 102 -4.21 -14.23 -17.57
N GLU D 103 -3.19 -13.61 -18.15
CA GLU D 103 -2.25 -14.30 -18.96
C GLU D 103 -1.25 -15.14 -18.18
N ILE D 104 -0.97 -14.81 -16.93
CA ILE D 104 -0.01 -15.58 -16.13
C ILE D 104 -0.64 -16.89 -15.69
N LYS D 105 -1.96 -16.98 -15.73
CA LYS D 105 -2.65 -18.15 -15.12
C LYS D 105 -2.16 -19.52 -15.69
N LYS D 106 -1.98 -19.56 -17.00
CA LYS D 106 -1.60 -20.83 -17.67
C LYS D 106 -0.22 -21.32 -17.26
N PHE D 107 0.61 -20.42 -16.76
CA PHE D 107 1.96 -20.77 -16.26
C PHE D 107 1.97 -21.29 -14.84
N LEU D 108 0.84 -21.23 -14.11
CA LEU D 108 0.76 -21.58 -12.70
C LEU D 108 0.03 -22.91 -12.43
N ILE D 109 -0.12 -23.73 -13.48
CA ILE D 109 -0.59 -25.11 -13.40
C ILE D 109 0.37 -25.99 -14.15
N PRO D 110 0.42 -27.29 -13.80
CA PRO D 110 1.34 -28.14 -14.54
C PRO D 110 1.01 -28.26 -16.05
N ASP D 111 2.05 -28.52 -16.81
CA ASP D 111 1.95 -28.82 -18.20
C ASP D 111 2.58 -30.20 -18.43
N TYR D 112 1.99 -30.99 -19.31
CA TYR D 112 2.44 -32.34 -19.60
C TYR D 112 3.05 -32.53 -20.99
N ASN D 113 3.37 -31.42 -21.65
N ASN D 113 3.21 -31.44 -21.73
CA ASN D 113 3.91 -31.43 -23.03
CA ASN D 113 3.79 -31.48 -23.07
C ASN D 113 5.44 -31.27 -23.02
C ASN D 113 5.10 -30.67 -23.08
#